data_5ERE
#
_entry.id   5ERE
#
_cell.length_a   104.946
_cell.length_b   104.946
_cell.length_c   140.181
_cell.angle_alpha   90.00
_cell.angle_beta   90.00
_cell.angle_gamma   90.00
#
_symmetry.space_group_name_H-M   'P 41 21 2'
#
loop_
_entity.id
_entity.type
_entity.pdbx_description
1 polymer 'Extracellular ligand-binding receptor'
2 non-polymer '2-OXO-4-METHYLPENTANOIC ACID'
3 non-polymer 6-AMINOPYRIMIDIN-2(1H)-ONE
4 non-polymer 'ACETIC ACID'
5 non-polymer 'CALCIUM ION'
6 non-polymer GLYCEROL
7 non-polymer 1,2-ETHANEDIOL
8 water water
#
_entity_poly.entity_id   1
_entity_poly.type   'polypeptide(L)'
_entity_poly.pdbx_seq_one_letter_code
;KPVVGVILPFSSAFEDIAVEQQRAVELALAESGSAFEIVFKDGGADVDTAVQAFQDLVRSQENLAAVVSCSSWASSAIHP
LAAEKDIFHVAIGSAALKRTEPGHTIRLTVGVQQEQEQLAAYLTDFERIAVLA(MSE)DNNLGSSWIR(MSE)LEDRFPK
QVVAAQEYNPQQ(MSE)DIAAQLATIKARDSEALVLISAGEAATIAKQARQAGIKAQLVGTRPIQRAEVLAASAFTNGLV
YTYPSYNQDHPF(MSE)SAFTDRYGLEPGFFGVEAYDLCTTLSRALEQGRQTPKALFEWYAGNTFTGALGKVTFANDGDA
SYPYIFKKVTESGFRVAEFQFP(MSE)LLTQTAQELNAIFKD(MSE)DRSVAAAAEQLSTTGLRGDRASAILETLFNENQ
YAYNCVTVDATGTIVNVAPKQYSSVIGEDISGQEQIIRLHETHQPVLSQAIK(MSE)VEGFVGIDLEHPVFDQDGGFIGS
VSVLTQPDFFGSIISRKVHNFPVEIFVLQRDGTTIYDVNAEEIGKNAFADPIYDAFPSLKRIARK(MSE)VSQAEGEGTY
RFQDRH(MSE)EHAVAKQLLWTSIGLHGTNYRLALTYGAGEIED
;
_entity_poly.pdbx_strand_id   A
#
loop_
_chem_comp.id
_chem_comp.type
_chem_comp.name
_chem_comp.formula
ACY non-polymer 'ACETIC ACID' 'C2 H4 O2'
CA non-polymer 'CALCIUM ION' 'Ca 2'
COI non-polymer '2-OXO-4-METHYLPENTANOIC ACID' 'C6 H10 O3'
CYT non-polymer 6-AMINOPYRIMIDIN-2(1H)-ONE 'C4 H5 N3 O'
EDO non-polymer 1,2-ETHANEDIOL 'C2 H6 O2'
GOL non-polymer GLYCEROL 'C3 H8 O3'
#
# COMPACT_ATOMS: atom_id res chain seq x y z
N LYS A 1 26.30 8.55 -31.65
CA LYS A 1 24.99 8.89 -31.08
C LYS A 1 24.25 7.60 -30.68
N PRO A 2 24.00 7.40 -29.38
CA PRO A 2 23.43 6.10 -28.99
C PRO A 2 21.99 5.89 -29.46
N VAL A 3 21.65 4.63 -29.76
CA VAL A 3 20.32 4.26 -30.20
C VAL A 3 19.58 3.50 -29.13
N VAL A 4 18.37 3.95 -28.81
CA VAL A 4 17.52 3.22 -27.88
C VAL A 4 16.39 2.54 -28.67
N GLY A 5 16.33 1.22 -28.57
CA GLY A 5 15.22 0.46 -29.14
C GLY A 5 14.00 0.35 -28.21
N VAL A 6 12.82 0.59 -28.75
CA VAL A 6 11.59 0.71 -27.95
C VAL A 6 10.50 -0.20 -28.55
N ILE A 7 10.20 -1.28 -27.86
CA ILE A 7 9.29 -2.34 -28.33
C ILE A 7 7.94 -2.18 -27.68
N LEU A 8 6.96 -1.82 -28.48
CA LEU A 8 5.60 -1.49 -28.01
C LEU A 8 4.55 -2.33 -28.74
N PRO A 9 3.42 -2.59 -28.08
CA PRO A 9 2.51 -3.58 -28.63
C PRO A 9 1.53 -2.97 -29.64
N PHE A 10 2.06 -2.48 -30.76
CA PHE A 10 1.24 -1.77 -31.73
C PHE A 10 0.14 -2.70 -32.34
N SER A 11 0.52 -3.93 -32.69
CA SER A 11 -0.36 -4.92 -33.31
C SER A 11 -0.92 -5.84 -32.23
N SER A 12 -1.96 -5.35 -31.58
CA SER A 12 -2.51 -5.98 -30.39
C SER A 12 -3.73 -5.20 -29.92
N ALA A 13 -4.43 -5.75 -28.92
CA ALA A 13 -5.55 -5.06 -28.25
C ALA A 13 -5.12 -3.73 -27.56
N PHE A 14 -3.81 -3.58 -27.32
CA PHE A 14 -3.30 -2.42 -26.56
C PHE A 14 -2.61 -1.41 -27.48
N GLU A 15 -3.09 -1.38 -28.72
CA GLU A 15 -2.66 -0.43 -29.74
C GLU A 15 -2.65 1.00 -29.20
N ASP A 16 -3.71 1.38 -28.48
CA ASP A 16 -3.89 2.74 -28.01
C ASP A 16 -2.82 3.13 -26.98
N ILE A 17 -2.47 2.19 -26.11
CA ILE A 17 -1.42 2.40 -25.11
C ILE A 17 -0.09 2.57 -25.83
N ALA A 18 0.15 1.69 -26.80
CA ALA A 18 1.34 1.74 -27.61
C ALA A 18 1.50 3.08 -28.32
N VAL A 19 0.44 3.62 -28.92
CA VAL A 19 0.52 4.90 -29.60
C VAL A 19 0.74 6.04 -28.62
N GLU A 20 0.13 5.93 -27.45
CA GLU A 20 0.33 6.89 -26.38
C GLU A 20 1.81 6.95 -25.97
N GLN A 21 2.40 5.78 -25.78
CA GLN A 21 3.79 5.68 -25.36
C GLN A 21 4.71 6.27 -26.45
N GLN A 22 4.42 5.96 -27.71
CA GLN A 22 5.17 6.49 -28.84
C GLN A 22 5.11 7.99 -28.89
N ARG A 23 3.90 8.53 -28.80
CA ARG A 23 3.71 9.97 -28.68
C ARG A 23 4.50 10.61 -27.56
N ALA A 24 4.47 10.01 -26.37
CA ALA A 24 5.11 10.63 -25.24
C ALA A 24 6.65 10.63 -25.41
N VAL A 25 7.17 9.56 -25.99
CA VAL A 25 8.60 9.40 -26.23
C VAL A 25 9.10 10.41 -27.23
N GLU A 26 8.32 10.65 -28.28
CA GLU A 26 8.73 11.56 -29.31
C GLU A 26 8.64 12.98 -28.82
N LEU A 27 7.62 13.28 -28.03
CA LEU A 27 7.50 14.62 -27.44
C LEU A 27 8.68 14.94 -26.49
N ALA A 28 9.03 13.95 -25.68
CA ALA A 28 10.10 14.02 -24.70
C ALA A 28 11.47 14.24 -25.36
N LEU A 29 11.70 13.59 -26.48
CA LEU A 29 12.99 13.63 -27.15
C LEU A 29 13.23 14.95 -27.84
N ALA A 30 12.19 15.46 -28.50
CA ALA A 30 12.27 16.72 -29.20
C ALA A 30 12.75 17.85 -28.27
N GLU A 31 12.24 17.88 -27.03
CA GLU A 31 12.54 18.96 -26.10
C GLU A 31 13.89 18.81 -25.39
N SER A 32 14.26 17.57 -25.06
CA SER A 32 15.49 17.29 -24.31
C SER A 32 16.75 17.58 -25.12
N GLY A 33 16.58 17.77 -26.42
CA GLY A 33 17.70 18.02 -27.32
C GLY A 33 18.19 16.74 -27.94
N SER A 34 17.49 15.64 -27.68
CA SER A 34 17.78 14.36 -28.32
C SER A 34 19.15 13.79 -27.94
N ALA A 35 19.36 13.50 -26.65
CA ALA A 35 20.60 12.83 -26.21
C ALA A 35 20.76 11.44 -26.83
N PHE A 36 19.69 10.88 -27.40
CA PHE A 36 19.79 9.59 -28.09
C PHE A 36 18.76 9.52 -29.21
N GLU A 37 18.97 8.60 -30.15
CA GLU A 37 18.02 8.34 -31.22
C GLU A 37 17.10 7.15 -30.82
N ILE A 38 15.84 7.24 -31.21
CA ILE A 38 14.84 6.19 -30.95
C ILE A 38 14.56 5.41 -32.21
N VAL A 39 14.48 4.08 -32.10
CA VAL A 39 13.81 3.31 -33.14
C VAL A 39 12.71 2.43 -32.48
N PHE A 40 11.55 2.41 -33.12
CA PHE A 40 10.38 1.74 -32.59
C PHE A 40 10.28 0.38 -33.26
N LYS A 41 9.91 -0.62 -32.47
CA LYS A 41 9.58 -1.93 -33.02
C LYS A 41 8.21 -2.38 -32.48
N ASP A 42 7.58 -3.26 -33.25
CA ASP A 42 6.22 -3.70 -32.97
C ASP A 42 6.33 -5.03 -32.22
N GLY A 43 6.02 -5.01 -30.93
CA GLY A 43 6.06 -6.23 -30.14
C GLY A 43 4.88 -7.17 -30.41
N GLY A 44 3.85 -6.69 -31.10
CA GLY A 44 2.71 -7.54 -31.41
C GLY A 44 1.85 -7.92 -30.22
N ALA A 45 1.24 -9.11 -30.28
CA ALA A 45 0.18 -9.47 -29.37
C ALA A 45 0.60 -10.53 -28.35
N ASP A 46 1.72 -11.22 -28.62
CA ASP A 46 2.17 -12.26 -27.71
C ASP A 46 3.67 -12.29 -27.49
N VAL A 47 4.11 -13.27 -26.69
CA VAL A 47 5.50 -13.33 -26.28
C VAL A 47 6.46 -13.60 -27.42
N ASP A 48 6.04 -14.36 -28.43
CA ASP A 48 6.96 -14.75 -29.48
C ASP A 48 7.25 -13.59 -30.40
N THR A 49 6.24 -12.79 -30.63
CA THR A 49 6.40 -11.66 -31.53
C THR A 49 7.30 -10.60 -30.88
N ALA A 50 7.26 -10.49 -29.55
CA ALA A 50 8.14 -9.55 -28.83
C ALA A 50 9.58 -10.03 -28.77
N VAL A 51 9.78 -11.34 -28.63
CA VAL A 51 11.14 -11.88 -28.58
C VAL A 51 11.77 -11.70 -29.96
N GLN A 52 10.97 -11.93 -30.99
CA GLN A 52 11.36 -11.66 -32.37
C GLN A 52 11.74 -10.19 -32.61
N ALA A 53 10.92 -9.25 -32.15
CA ALA A 53 11.29 -7.82 -32.26
C ALA A 53 12.62 -7.53 -31.59
N PHE A 54 12.82 -8.06 -30.38
CA PHE A 54 14.09 -7.88 -29.69
C PHE A 54 15.28 -8.44 -30.50
N GLN A 55 15.19 -9.71 -30.90
CA GLN A 55 16.29 -10.36 -31.64
C GLN A 55 16.60 -9.60 -32.93
N ASP A 56 15.55 -9.17 -33.63
CA ASP A 56 15.69 -8.41 -34.86
C ASP A 56 16.36 -7.08 -34.57
N LEU A 57 15.92 -6.44 -33.50
CA LEU A 57 16.51 -5.20 -33.07
C LEU A 57 18.01 -5.34 -32.78
N VAL A 58 18.40 -6.43 -32.12
CA VAL A 58 19.83 -6.66 -31.85
C VAL A 58 20.60 -6.91 -33.15
N ARG A 59 19.98 -7.62 -34.09
CA ARG A 59 20.66 -7.96 -35.34
C ARG A 59 20.94 -6.71 -36.15
N SER A 60 19.99 -5.77 -36.14
CA SER A 60 20.05 -4.61 -37.02
C SER A 60 20.70 -3.33 -36.42
N GLN A 61 21.05 -3.33 -35.14
CA GLN A 61 21.59 -2.12 -34.49
C GLN A 61 22.88 -2.35 -33.70
N GLU A 62 24.00 -1.83 -34.21
CA GLU A 62 25.29 -2.04 -33.58
C GLU A 62 25.49 -1.15 -32.34
N ASN A 63 25.14 0.13 -32.46
CA ASN A 63 25.30 1.10 -31.37
C ASN A 63 24.09 1.15 -30.44
N LEU A 64 23.54 -0.01 -30.09
CA LEU A 64 22.38 -0.11 -29.23
C LEU A 64 22.68 0.09 -27.74
N ALA A 65 22.30 1.27 -27.22
CA ALA A 65 22.55 1.63 -25.82
C ALA A 65 21.59 0.97 -24.83
N ALA A 66 20.35 0.71 -25.28
CA ALA A 66 19.31 0.13 -24.44
C ALA A 66 18.12 -0.37 -25.24
N VAL A 67 17.34 -1.21 -24.56
CA VAL A 67 16.06 -1.71 -25.08
C VAL A 67 15.01 -1.45 -24.05
N VAL A 68 13.95 -0.78 -24.48
CA VAL A 68 12.79 -0.54 -23.66
C VAL A 68 11.67 -1.44 -24.19
N SER A 69 10.97 -2.14 -23.30
CA SER A 69 9.81 -2.92 -23.70
C SER A 69 8.60 -2.58 -22.90
N CYS A 70 7.47 -2.44 -23.59
CA CYS A 70 6.18 -2.32 -22.94
C CYS A 70 5.53 -3.71 -22.79
N SER A 71 4.89 -3.92 -21.64
CA SER A 71 3.98 -5.05 -21.28
C SER A 71 4.72 -6.06 -20.41
N SER A 72 4.03 -6.58 -19.41
CA SER A 72 4.59 -7.58 -18.50
C SER A 72 5.10 -8.81 -19.24
N TRP A 73 4.42 -9.20 -20.31
CA TRP A 73 4.84 -10.39 -21.05
C TRP A 73 6.04 -10.14 -21.94
N ALA A 74 6.04 -9.04 -22.69
CA ALA A 74 7.22 -8.71 -23.46
C ALA A 74 8.43 -8.57 -22.52
N SER A 75 8.21 -7.91 -21.38
CA SER A 75 9.31 -7.55 -20.53
C SER A 75 9.88 -8.80 -19.82
N SER A 76 9.01 -9.72 -19.41
CA SER A 76 9.46 -10.91 -18.73
C SER A 76 10.31 -11.79 -19.67
N ALA A 77 9.93 -11.84 -20.94
CA ALA A 77 10.64 -12.63 -21.95
C ALA A 77 11.96 -11.97 -22.38
N ILE A 78 11.98 -10.64 -22.46
CA ILE A 78 13.19 -9.96 -22.93
C ILE A 78 14.25 -9.91 -21.81
N HIS A 79 13.79 -9.81 -20.56
CA HIS A 79 14.67 -9.67 -19.39
C HIS A 79 15.92 -10.61 -19.40
N PRO A 80 15.71 -11.94 -19.51
CA PRO A 80 16.90 -12.82 -19.51
C PRO A 80 17.74 -12.74 -20.78
N LEU A 81 17.11 -12.40 -21.90
CA LEU A 81 17.79 -12.27 -23.18
C LEU A 81 18.67 -11.04 -23.21
N ALA A 82 18.14 -9.90 -22.77
CA ALA A 82 18.95 -8.69 -22.70
C ALA A 82 20.12 -8.91 -21.76
N ALA A 83 19.89 -9.63 -20.67
CA ALA A 83 20.93 -9.87 -19.68
C ALA A 83 22.07 -10.65 -20.33
N GLU A 84 21.75 -11.76 -21.00
CA GLU A 84 22.74 -12.62 -21.67
C GLU A 84 23.54 -11.86 -22.73
N LYS A 85 22.89 -10.96 -23.45
CA LYS A 85 23.60 -10.20 -24.50
C LYS A 85 24.21 -8.91 -23.96
N ASP A 86 24.07 -8.73 -22.64
CA ASP A 86 24.55 -7.54 -21.95
C ASP A 86 24.09 -6.23 -22.59
N ILE A 87 22.77 -6.12 -22.74
CA ILE A 87 22.10 -4.91 -23.21
C ILE A 87 21.24 -4.34 -22.10
N PHE A 88 21.38 -3.05 -21.84
CA PHE A 88 20.59 -2.44 -20.80
C PHE A 88 19.09 -2.49 -21.17
N HIS A 89 18.28 -2.80 -20.17
CA HIS A 89 16.87 -3.08 -20.39
C HIS A 89 16.02 -2.29 -19.43
N VAL A 90 15.00 -1.63 -19.99
CA VAL A 90 14.03 -0.92 -19.18
C VAL A 90 12.63 -1.50 -19.47
N ALA A 91 11.87 -1.79 -18.43
CA ALA A 91 10.48 -2.26 -18.58
C ALA A 91 9.53 -1.15 -18.16
N ILE A 92 8.62 -0.83 -19.08
CA ILE A 92 7.54 0.12 -18.81
C ILE A 92 6.21 -0.65 -19.03
N GLY A 93 5.12 -0.10 -18.51
CA GLY A 93 3.82 -0.81 -18.58
C GLY A 93 3.98 -2.29 -18.24
N SER A 94 4.65 -2.56 -17.13
CA SER A 94 5.06 -3.92 -16.81
C SER A 94 4.89 -4.29 -15.34
N ALA A 95 3.66 -4.27 -14.81
CA ALA A 95 3.48 -4.65 -13.39
C ALA A 95 3.82 -6.13 -13.02
N ALA A 96 3.76 -7.06 -13.96
CA ALA A 96 4.01 -8.48 -13.61
C ALA A 96 5.35 -8.95 -14.18
N LEU A 97 6.36 -8.11 -14.06
CA LEU A 97 7.71 -8.48 -14.43
C LEU A 97 8.24 -9.63 -13.54
N LYS A 98 8.83 -10.65 -14.16
CA LYS A 98 9.49 -11.72 -13.43
C LYS A 98 11.01 -11.61 -13.56
N ARG A 99 11.69 -11.34 -12.45
CA ARG A 99 13.16 -11.18 -12.42
C ARG A 99 13.90 -12.46 -12.06
N THR A 100 14.96 -12.76 -12.82
CA THR A 100 15.80 -13.94 -12.60
C THR A 100 17.28 -13.57 -12.59
N GLU A 101 17.61 -12.44 -13.19
CA GLU A 101 18.97 -11.98 -13.32
C GLU A 101 19.16 -10.74 -12.49
N PRO A 102 19.76 -10.88 -11.31
CA PRO A 102 19.85 -9.69 -10.49
C PRO A 102 20.76 -8.63 -11.15
N GLY A 103 20.40 -7.37 -10.96
CA GLY A 103 21.14 -6.27 -11.57
C GLY A 103 20.81 -6.04 -13.03
N HIS A 104 19.69 -6.58 -13.49
CA HIS A 104 19.30 -6.43 -14.89
C HIS A 104 17.86 -6.05 -14.93
N THR A 105 17.58 -5.14 -15.86
CA THR A 105 16.26 -4.58 -16.08
C THR A 105 15.86 -3.59 -15.00
N ILE A 106 15.72 -2.34 -15.40
CA ILE A 106 15.14 -1.37 -14.54
C ILE A 106 13.65 -1.34 -14.89
N ARG A 107 12.82 -1.21 -13.87
CA ARG A 107 11.37 -1.18 -14.10
C ARG A 107 10.70 0.07 -13.52
N LEU A 108 9.98 0.79 -14.37
CA LEU A 108 9.29 1.99 -13.94
C LEU A 108 7.86 1.75 -13.44
N THR A 109 7.37 0.52 -13.62
CA THR A 109 5.96 0.20 -13.23
C THR A 109 5.94 -0.44 -11.85
N VAL A 110 5.10 0.09 -10.98
CA VAL A 110 4.85 -0.53 -9.69
C VAL A 110 4.26 -1.92 -9.89
N GLY A 111 4.76 -2.87 -9.10
CA GLY A 111 4.37 -4.26 -9.24
C GLY A 111 2.96 -4.68 -8.81
N VAL A 112 2.51 -5.82 -9.32
CA VAL A 112 1.20 -6.39 -8.91
C VAL A 112 1.07 -6.53 -7.39
N GLN A 113 2.13 -6.99 -6.73
CA GLN A 113 2.07 -7.22 -5.29
C GLN A 113 1.71 -5.97 -4.53
N GLN A 114 2.38 -4.87 -4.87
CA GLN A 114 2.14 -3.62 -4.16
C GLN A 114 0.74 -3.14 -4.46
N GLU A 115 0.33 -3.14 -5.72
CA GLU A 115 -0.95 -2.59 -6.12
C GLU A 115 -2.07 -3.46 -5.53
N GLN A 116 -1.84 -4.77 -5.51
CA GLN A 116 -2.81 -5.75 -4.93
C GLN A 116 -3.06 -5.51 -3.43
N GLU A 117 -1.99 -5.24 -2.67
CA GLU A 117 -2.07 -4.90 -1.25
C GLU A 117 -2.98 -3.69 -1.00
N GLN A 118 -2.92 -2.71 -1.90
CA GLN A 118 -3.75 -1.53 -1.75
C GLN A 118 -5.21 -1.83 -2.14
N LEU A 119 -5.40 -2.48 -3.28
CA LEU A 119 -6.74 -2.81 -3.75
C LEU A 119 -7.50 -3.66 -2.71
N ALA A 120 -6.75 -4.49 -1.98
CA ALA A 120 -7.32 -5.36 -0.94
C ALA A 120 -8.04 -4.59 0.16
N ALA A 121 -7.71 -3.32 0.35
CA ALA A 121 -8.38 -2.54 1.40
C ALA A 121 -9.83 -2.30 1.04
N TYR A 122 -10.09 -2.22 -0.26
CA TYR A 122 -11.45 -2.04 -0.76
C TYR A 122 -12.18 -3.38 -0.83
N LEU A 123 -11.50 -4.38 -1.40
CA LEU A 123 -12.13 -5.67 -1.75
C LEU A 123 -12.53 -6.47 -0.51
N THR A 124 -11.97 -6.12 0.63
CA THR A 124 -12.16 -6.91 1.83
C THR A 124 -13.62 -6.79 2.35
N ASP A 125 -14.38 -5.79 1.90
CA ASP A 125 -15.76 -5.63 2.32
C ASP A 125 -16.75 -6.29 1.34
N PHE A 126 -16.24 -7.21 0.53
CA PHE A 126 -17.04 -7.97 -0.42
C PHE A 126 -16.83 -9.45 -0.16
N GLU A 127 -17.91 -10.17 0.11
CA GLU A 127 -17.80 -11.59 0.44
C GLU A 127 -17.77 -12.45 -0.82
N ARG A 128 -18.35 -11.96 -1.91
CA ARG A 128 -18.35 -12.69 -3.18
C ARG A 128 -17.60 -11.92 -4.29
N ILE A 129 -16.44 -12.43 -4.69
CA ILE A 129 -15.56 -11.74 -5.65
C ILE A 129 -15.30 -12.52 -6.95
N ALA A 130 -15.70 -11.97 -8.09
CA ALA A 130 -15.33 -12.58 -9.37
C ALA A 130 -14.20 -11.80 -10.05
N VAL A 131 -13.30 -12.53 -10.71
CA VAL A 131 -12.25 -11.95 -11.53
C VAL A 131 -12.38 -12.41 -12.98
N LEU A 132 -12.40 -11.44 -13.89
CA LEU A 132 -12.19 -11.68 -15.31
C LEU A 132 -10.89 -10.97 -15.75
N ALA A 133 -9.88 -11.77 -16.16
CA ALA A 133 -8.55 -11.21 -16.44
C ALA A 133 -8.01 -11.59 -17.83
N MSE A 134 -7.32 -10.63 -18.43
CA MSE A 134 -6.64 -10.85 -19.70
C MSE A 134 -5.78 -12.07 -19.60
O MSE A 134 -5.10 -12.26 -18.60
CB MSE A 134 -5.80 -9.59 -20.09
CG MSE A 134 -4.75 -9.21 -19.09
SE MSE A 134 -3.69 -7.56 -19.67
CE MSE A 134 -5.10 -6.22 -19.60
N ASP A 135 -5.80 -12.91 -20.63
CA ASP A 135 -5.01 -14.14 -20.63
C ASP A 135 -3.53 -13.91 -20.98
N ASN A 136 -2.78 -13.38 -20.03
CA ASN A 136 -1.34 -13.27 -20.15
C ASN A 136 -0.78 -13.19 -18.74
N ASN A 137 0.53 -13.02 -18.60
CA ASN A 137 1.11 -13.11 -17.27
C ASN A 137 0.66 -11.94 -16.33
N LEU A 138 0.14 -10.84 -16.87
CA LEU A 138 -0.42 -9.83 -15.98
C LEU A 138 -1.73 -10.35 -15.37
N GLY A 139 -2.63 -10.85 -16.21
CA GLY A 139 -3.89 -11.41 -15.73
C GLY A 139 -3.63 -12.52 -14.73
N SER A 140 -2.76 -13.44 -15.11
CA SER A 140 -2.58 -14.65 -14.28
C SER A 140 -1.92 -14.26 -12.95
N SER A 141 -1.06 -13.25 -12.98
CA SER A 141 -0.43 -12.82 -11.74
C SER A 141 -1.45 -12.20 -10.78
N TRP A 142 -2.34 -11.37 -11.30
CA TRP A 142 -3.41 -10.79 -10.50
C TRP A 142 -4.36 -11.86 -9.97
N ILE A 143 -4.65 -12.88 -10.77
CA ILE A 143 -5.53 -13.97 -10.32
C ILE A 143 -4.89 -14.68 -9.14
N ARG A 144 -3.63 -15.08 -9.30
CA ARG A 144 -2.93 -15.84 -8.30
C ARG A 144 -2.81 -15.03 -7.01
N MSE A 145 -2.74 -13.71 -7.13
CA MSE A 145 -2.59 -12.84 -5.96
C MSE A 145 -3.88 -12.71 -5.21
O MSE A 145 -3.92 -12.76 -3.98
CB MSE A 145 -2.15 -11.45 -6.36
CG MSE A 145 -0.75 -11.37 -6.88
SE MSE A 145 0.58 -11.07 -5.50
CE MSE A 145 2.07 -10.91 -6.75
N LEU A 146 -4.93 -12.50 -5.98
CA LEU A 146 -6.22 -12.28 -5.41
C LEU A 146 -6.70 -13.57 -4.75
N GLU A 147 -6.39 -14.71 -5.37
CA GLU A 147 -6.75 -16.02 -4.82
C GLU A 147 -6.05 -16.32 -3.51
N ASP A 148 -4.79 -15.89 -3.40
CA ASP A 148 -4.03 -16.10 -2.18
C ASP A 148 -4.54 -15.24 -1.04
N ARG A 149 -5.01 -14.05 -1.39
CA ARG A 149 -5.40 -13.07 -0.40
C ARG A 149 -6.80 -13.33 0.07
N PHE A 150 -7.64 -13.76 -0.86
CA PHE A 150 -9.06 -13.94 -0.62
C PHE A 150 -9.56 -15.36 -0.99
N PRO A 151 -9.00 -16.39 -0.36
CA PRO A 151 -9.42 -17.78 -0.61
C PRO A 151 -10.92 -18.01 -0.60
N LYS A 152 -11.58 -17.48 0.42
CA LYS A 152 -13.00 -17.77 0.63
C LYS A 152 -13.85 -16.91 -0.28
N GLN A 153 -13.46 -15.66 -0.49
CA GLN A 153 -14.31 -14.71 -1.17
C GLN A 153 -14.27 -14.83 -2.70
N VAL A 154 -13.19 -15.39 -3.23
CA VAL A 154 -13.03 -15.48 -4.68
C VAL A 154 -13.84 -16.68 -5.21
N VAL A 155 -14.92 -16.38 -5.92
CA VAL A 155 -15.90 -17.41 -6.34
C VAL A 155 -15.78 -17.78 -7.83
N ALA A 156 -14.88 -17.13 -8.55
CA ALA A 156 -14.72 -17.33 -9.97
C ALA A 156 -13.47 -16.60 -10.50
N ALA A 157 -12.71 -17.26 -11.36
CA ALA A 157 -11.48 -16.72 -11.93
C ALA A 157 -11.42 -17.06 -13.41
N GLN A 158 -11.89 -16.13 -14.25
CA GLN A 158 -12.04 -16.36 -15.67
C GLN A 158 -11.01 -15.53 -16.47
N GLU A 159 -10.51 -16.09 -17.55
CA GLU A 159 -9.56 -15.40 -18.43
C GLU A 159 -10.21 -15.06 -19.78
N TYR A 160 -9.61 -14.13 -20.52
CA TYR A 160 -10.03 -13.83 -21.88
C TYR A 160 -8.89 -13.31 -22.75
N ASN A 161 -8.94 -13.67 -24.02
CA ASN A 161 -8.08 -13.10 -25.03
C ASN A 161 -8.51 -11.67 -25.37
N PRO A 162 -7.65 -10.66 -25.08
CA PRO A 162 -8.11 -9.28 -25.32
C PRO A 162 -8.25 -8.92 -26.80
N GLN A 163 -7.56 -9.64 -27.69
CA GLN A 163 -7.82 -9.40 -29.11
C GLN A 163 -9.18 -10.00 -29.54
N GLN A 164 -9.49 -11.22 -29.11
CA GLN A 164 -10.73 -11.87 -29.56
C GLN A 164 -12.01 -11.29 -28.91
N MSE A 165 -11.98 -11.07 -27.60
CA MSE A 165 -13.11 -10.48 -26.84
C MSE A 165 -14.36 -11.37 -26.89
O MSE A 165 -15.50 -10.89 -26.85
CB MSE A 165 -13.44 -9.10 -27.34
CG MSE A 165 -12.30 -8.08 -27.10
SE MSE A 165 -11.75 -8.08 -25.21
CE MSE A 165 -13.29 -7.22 -24.43
N ASP A 166 -14.13 -12.67 -26.94
CA ASP A 166 -15.21 -13.62 -26.76
C ASP A 166 -15.36 -13.93 -25.28
N ILE A 167 -16.30 -13.26 -24.61
CA ILE A 167 -16.45 -13.34 -23.16
C ILE A 167 -17.83 -13.81 -22.67
N ALA A 168 -18.74 -14.16 -23.59
CA ALA A 168 -20.10 -14.56 -23.24
C ALA A 168 -20.13 -15.73 -22.26
N ALA A 169 -19.25 -16.71 -22.49
CA ALA A 169 -19.12 -17.86 -21.59
C ALA A 169 -18.65 -17.47 -20.20
N GLN A 170 -17.53 -16.75 -20.15
CA GLN A 170 -16.91 -16.39 -18.89
C GLN A 170 -17.89 -15.60 -18.06
N LEU A 171 -18.62 -14.71 -18.73
CA LEU A 171 -19.62 -13.87 -18.07
C LEU A 171 -20.81 -14.72 -17.61
N ALA A 172 -21.06 -15.85 -18.28
CA ALA A 172 -22.17 -16.75 -17.88
C ALA A 172 -21.76 -17.47 -16.61
N THR A 173 -20.58 -18.10 -16.64
CA THR A 173 -19.96 -18.66 -15.44
C THR A 173 -20.04 -17.68 -14.29
N ILE A 174 -19.75 -16.42 -14.57
CA ILE A 174 -19.60 -15.43 -13.53
C ILE A 174 -20.94 -15.03 -12.91
N LYS A 175 -21.92 -14.77 -13.77
CA LYS A 175 -23.24 -14.39 -13.28
C LYS A 175 -23.78 -15.50 -12.38
N ALA A 176 -23.48 -16.74 -12.75
CA ALA A 176 -23.99 -17.90 -12.02
C ALA A 176 -23.33 -18.06 -10.66
N ARG A 177 -22.44 -17.14 -10.28
CA ARG A 177 -21.87 -17.19 -8.94
C ARG A 177 -22.28 -16.00 -8.11
N ASP A 178 -23.16 -15.17 -8.69
CA ASP A 178 -23.78 -14.06 -7.95
C ASP A 178 -22.75 -13.24 -7.20
N SER A 179 -21.76 -12.76 -7.93
CA SER A 179 -20.64 -12.08 -7.30
C SER A 179 -21.09 -10.72 -6.80
N GLU A 180 -20.40 -10.26 -5.77
CA GLU A 180 -20.62 -8.95 -5.18
C GLU A 180 -19.72 -7.89 -5.85
N ALA A 181 -18.50 -8.29 -6.18
CA ALA A 181 -17.62 -7.40 -6.93
C ALA A 181 -16.99 -8.19 -8.08
N LEU A 182 -16.99 -7.55 -9.25
CA LEU A 182 -16.31 -8.12 -10.42
C LEU A 182 -15.03 -7.34 -10.72
N VAL A 183 -13.90 -7.98 -10.47
CA VAL A 183 -12.58 -7.43 -10.76
C VAL A 183 -12.12 -7.71 -12.19
N LEU A 184 -11.94 -6.64 -12.96
CA LEU A 184 -11.45 -6.75 -14.32
C LEU A 184 -9.96 -6.44 -14.46
N ILE A 185 -9.14 -7.45 -14.78
CA ILE A 185 -7.74 -7.15 -15.08
C ILE A 185 -7.67 -6.84 -16.58
N SER A 186 -7.94 -5.57 -16.86
CA SER A 186 -8.23 -5.07 -18.18
C SER A 186 -7.68 -3.66 -18.37
N ALA A 187 -7.32 -3.35 -19.60
CA ALA A 187 -7.11 -1.97 -20.00
C ALA A 187 -8.42 -1.47 -20.64
N GLY A 188 -8.35 -0.79 -21.77
CA GLY A 188 -9.52 -0.11 -22.32
C GLY A 188 -10.69 -1.03 -22.71
N GLU A 189 -10.40 -2.32 -22.96
CA GLU A 189 -11.40 -3.29 -23.41
C GLU A 189 -12.45 -3.50 -22.31
N ALA A 190 -12.16 -3.02 -21.11
CA ALA A 190 -13.09 -3.06 -20.01
C ALA A 190 -14.41 -2.36 -20.31
N ALA A 191 -14.43 -1.39 -21.22
CA ALA A 191 -15.69 -0.72 -21.55
C ALA A 191 -16.68 -1.69 -22.24
N THR A 192 -16.14 -2.63 -23.01
CA THR A 192 -16.94 -3.66 -23.66
C THR A 192 -17.35 -4.75 -22.67
N ILE A 193 -16.38 -5.18 -21.85
CA ILE A 193 -16.66 -6.14 -20.81
C ILE A 193 -17.80 -5.62 -19.92
N ALA A 194 -17.68 -4.37 -19.47
CA ALA A 194 -18.70 -3.72 -18.64
C ALA A 194 -20.10 -3.75 -19.29
N LYS A 195 -20.16 -3.44 -20.58
CA LYS A 195 -21.41 -3.37 -21.32
C LYS A 195 -22.11 -4.70 -21.30
N GLN A 196 -21.39 -5.71 -21.78
CA GLN A 196 -21.93 -7.05 -21.91
C GLN A 196 -22.32 -7.62 -20.56
N ALA A 197 -21.51 -7.37 -19.54
CA ALA A 197 -21.83 -7.86 -18.20
C ALA A 197 -23.13 -7.25 -17.65
N ARG A 198 -23.31 -5.95 -17.84
CA ARG A 198 -24.54 -5.29 -17.39
C ARG A 198 -25.73 -5.77 -18.22
N GLN A 199 -25.51 -6.02 -19.51
CA GLN A 199 -26.57 -6.50 -20.40
C GLN A 199 -26.88 -7.97 -20.12
N ALA A 200 -25.93 -8.66 -19.51
CA ALA A 200 -26.09 -10.04 -19.11
C ALA A 200 -26.72 -10.17 -17.71
N GLY A 201 -27.10 -9.03 -17.11
CA GLY A 201 -27.80 -9.02 -15.83
C GLY A 201 -26.90 -8.92 -14.61
N ILE A 202 -25.59 -8.91 -14.80
CA ILE A 202 -24.64 -8.76 -13.69
C ILE A 202 -24.66 -7.33 -13.14
N LYS A 203 -24.95 -7.23 -11.85
CA LYS A 203 -25.16 -5.95 -11.19
C LYS A 203 -24.00 -5.62 -10.23
N ALA A 204 -23.04 -6.54 -10.13
CA ALA A 204 -21.89 -6.42 -9.23
C ALA A 204 -21.10 -5.10 -9.34
N GLN A 205 -20.50 -4.67 -8.25
CA GLN A 205 -19.58 -3.52 -8.27
C GLN A 205 -18.39 -3.87 -9.16
N LEU A 206 -18.13 -3.03 -10.17
CA LEU A 206 -16.96 -3.20 -11.03
C LEU A 206 -15.71 -2.60 -10.36
N VAL A 207 -14.58 -3.30 -10.51
CA VAL A 207 -13.33 -2.94 -9.86
C VAL A 207 -12.20 -3.19 -10.86
N GLY A 208 -11.25 -2.26 -10.94
CA GLY A 208 -10.15 -2.45 -11.88
C GLY A 208 -8.86 -1.94 -11.29
N THR A 209 -7.83 -1.91 -12.14
CA THR A 209 -6.45 -1.61 -11.73
C THR A 209 -5.87 -0.56 -12.69
N ARG A 210 -4.58 -0.26 -12.52
CA ARG A 210 -3.93 0.87 -13.20
C ARG A 210 -4.25 1.04 -14.70
N PRO A 211 -4.14 -0.01 -15.52
CA PRO A 211 -4.39 0.05 -16.97
C PRO A 211 -5.79 0.48 -17.39
N ILE A 212 -6.76 0.41 -16.49
CA ILE A 212 -8.16 0.60 -16.90
C ILE A 212 -8.53 2.08 -17.15
N GLN A 213 -7.68 3.02 -16.76
CA GLN A 213 -8.03 4.44 -16.92
C GLN A 213 -7.76 4.93 -18.34
N ARG A 214 -8.65 4.54 -19.27
CA ARG A 214 -8.53 4.89 -20.68
C ARG A 214 -9.82 5.59 -21.12
N ALA A 215 -9.72 6.42 -22.15
CA ALA A 215 -10.84 7.27 -22.56
C ALA A 215 -12.06 6.42 -22.95
N GLU A 216 -11.81 5.28 -23.55
CA GLU A 216 -12.86 4.34 -23.93
C GLU A 216 -13.75 4.00 -22.74
N VAL A 217 -13.11 3.81 -21.59
CA VAL A 217 -13.78 3.40 -20.38
C VAL A 217 -14.67 4.53 -19.88
N LEU A 218 -14.19 5.77 -19.96
CA LEU A 218 -14.97 6.94 -19.56
C LEU A 218 -16.19 7.21 -20.47
N ALA A 219 -15.99 7.01 -21.78
CA ALA A 219 -17.05 7.22 -22.77
C ALA A 219 -18.23 6.29 -22.53
N ALA A 220 -17.93 5.12 -21.98
CA ALA A 220 -18.91 4.10 -21.69
C ALA A 220 -19.44 4.19 -20.26
N SER A 221 -19.49 5.41 -19.72
CA SER A 221 -19.97 5.62 -18.35
C SER A 221 -21.41 5.13 -18.14
N ALA A 222 -22.15 4.95 -19.22
CA ALA A 222 -23.48 4.38 -19.10
C ALA A 222 -23.38 3.04 -18.41
N PHE A 223 -22.27 2.34 -18.64
CA PHE A 223 -22.07 1.01 -18.06
C PHE A 223 -20.98 0.98 -16.97
N THR A 224 -20.00 1.87 -17.08
CA THR A 224 -18.81 1.82 -16.22
C THR A 224 -18.90 2.77 -15.03
N ASN A 225 -19.94 3.61 -14.98
CA ASN A 225 -20.07 4.60 -13.90
C ASN A 225 -20.07 3.94 -12.52
N GLY A 226 -19.22 4.44 -11.62
CA GLY A 226 -19.09 3.91 -10.26
C GLY A 226 -17.95 2.92 -10.06
N LEU A 227 -17.38 2.45 -11.17
CA LEU A 227 -16.27 1.51 -11.14
C LEU A 227 -15.10 2.07 -10.32
N VAL A 228 -14.57 1.29 -9.38
CA VAL A 228 -13.50 1.75 -8.51
C VAL A 228 -12.20 1.08 -8.94
N TYR A 229 -11.08 1.80 -8.99
CA TYR A 229 -9.82 1.15 -9.36
C TYR A 229 -8.62 1.79 -8.67
N THR A 230 -7.54 1.01 -8.57
CA THR A 230 -6.29 1.53 -8.06
C THR A 230 -5.50 2.20 -9.17
N TYR A 231 -4.79 3.28 -8.83
CA TYR A 231 -4.13 4.08 -9.83
C TYR A 231 -2.98 4.93 -9.20
N PRO A 232 -1.85 5.10 -9.90
CA PRO A 232 -0.80 6.03 -9.41
C PRO A 232 -1.29 7.41 -9.09
N SER A 233 -0.84 8.01 -8.00
CA SER A 233 -1.45 9.25 -7.55
C SER A 233 -0.83 10.56 -8.08
N TYR A 234 -0.15 10.55 -9.22
CA TYR A 234 0.49 11.78 -9.72
C TYR A 234 -0.58 12.83 -10.01
N ASN A 235 -0.28 14.12 -9.81
CA ASN A 235 -1.25 15.15 -10.19
C ASN A 235 -1.11 15.62 -11.63
N GLN A 236 -2.07 16.43 -12.06
CA GLN A 236 -2.10 16.93 -13.43
C GLN A 236 -1.28 18.19 -13.65
N ASP A 237 -0.54 18.61 -12.64
CA ASP A 237 0.08 19.93 -12.75
C ASP A 237 1.38 19.93 -13.52
N HIS A 238 1.88 18.76 -13.88
CA HIS A 238 3.16 18.72 -14.58
C HIS A 238 3.00 19.24 -16.01
N PRO A 239 3.95 20.04 -16.51
CA PRO A 239 3.91 20.59 -17.87
C PRO A 239 3.76 19.59 -19.02
N PHE A 240 4.13 18.33 -18.80
CA PHE A 240 3.96 17.29 -19.81
C PHE A 240 2.49 17.04 -20.15
N MSE A 241 1.62 17.02 -19.14
CA MSE A 241 0.16 16.80 -19.35
C MSE A 241 -0.37 17.75 -20.41
O MSE A 241 -0.92 17.35 -21.43
CB MSE A 241 -0.65 17.06 -18.07
CG MSE A 241 -0.14 16.43 -16.84
SE MSE A 241 -0.13 14.54 -17.07
CE MSE A 241 1.71 14.46 -16.51
N SER A 242 -0.15 19.03 -20.17
CA SER A 242 -0.58 20.10 -21.05
C SER A 242 0.12 20.15 -22.40
N ALA A 243 1.44 19.94 -22.43
CA ALA A 243 2.13 19.84 -23.72
C ALA A 243 1.58 18.70 -24.61
N PHE A 244 1.34 17.55 -24.01
CA PHE A 244 0.85 16.38 -24.73
C PHE A 244 -0.59 16.65 -25.24
N THR A 245 -1.40 17.18 -24.36
CA THR A 245 -2.79 17.47 -24.69
C THR A 245 -2.91 18.46 -25.82
N ASP A 246 -2.07 19.51 -25.78
CA ASP A 246 -2.13 20.53 -26.80
C ASP A 246 -1.70 20.00 -28.14
N ARG A 247 -0.65 19.19 -28.14
CA ARG A 247 -0.13 18.70 -29.40
C ARG A 247 -1.06 17.60 -30.01
N TYR A 248 -1.50 16.67 -29.18
CA TYR A 248 -2.17 15.47 -29.71
C TYR A 248 -3.69 15.45 -29.57
N GLY A 249 -4.25 16.37 -28.80
CA GLY A 249 -5.68 16.60 -28.77
C GLY A 249 -6.37 15.84 -27.65
N LEU A 250 -5.61 15.14 -26.83
CA LEU A 250 -6.16 14.37 -25.71
C LEU A 250 -5.05 14.23 -24.66
N GLU A 251 -5.51 13.99 -23.44
CA GLU A 251 -4.70 13.89 -22.28
C GLU A 251 -3.97 12.54 -22.31
N PRO A 252 -2.72 12.53 -21.85
CA PRO A 252 -2.00 11.26 -21.75
C PRO A 252 -2.38 10.53 -20.49
N GLY A 253 -2.56 9.22 -20.55
CA GLY A 253 -2.75 8.44 -19.34
C GLY A 253 -1.43 7.96 -18.75
N PHE A 254 -1.51 6.93 -17.92
CA PHE A 254 -0.36 6.45 -17.16
C PHE A 254 0.82 6.14 -18.05
N PHE A 255 0.55 5.50 -19.17
CA PHE A 255 1.65 4.98 -19.96
C PHE A 255 2.46 6.07 -20.62
N GLY A 256 1.77 7.10 -21.14
CA GLY A 256 2.44 8.30 -21.62
C GLY A 256 3.29 8.96 -20.55
N VAL A 257 2.71 9.15 -19.37
CA VAL A 257 3.39 9.83 -18.26
C VAL A 257 4.66 9.06 -17.88
N GLU A 258 4.50 7.75 -17.75
CA GLU A 258 5.61 6.87 -17.46
C GLU A 258 6.70 6.91 -18.52
N ALA A 259 6.29 6.89 -19.77
CA ALA A 259 7.22 6.83 -20.86
C ALA A 259 7.97 8.19 -20.96
N TYR A 260 7.29 9.29 -20.66
CA TYR A 260 7.92 10.58 -20.62
C TYR A 260 9.03 10.62 -19.53
N ASP A 261 8.76 10.11 -18.34
CA ASP A 261 9.81 10.10 -17.30
C ASP A 261 10.98 9.17 -17.64
N LEU A 262 10.70 8.08 -18.33
CA LEU A 262 11.78 7.24 -18.81
C LEU A 262 12.69 8.02 -19.75
N CYS A 263 12.13 8.73 -20.73
CA CYS A 263 12.98 9.48 -21.67
C CYS A 263 13.76 10.55 -21.00
N THR A 264 13.13 11.26 -20.07
CA THR A 264 13.79 12.37 -19.37
C THR A 264 15.03 11.88 -18.63
N THR A 265 14.86 10.81 -17.89
CA THR A 265 15.92 10.35 -17.02
C THR A 265 16.99 9.58 -17.81
N LEU A 266 16.59 8.81 -18.81
CA LEU A 266 17.55 8.09 -19.63
C LEU A 266 18.40 9.05 -20.46
N SER A 267 17.78 10.11 -20.96
CA SER A 267 18.50 11.17 -21.66
C SER A 267 19.61 11.73 -20.79
N ARG A 268 19.29 12.00 -19.52
CA ARG A 268 20.24 12.60 -18.60
C ARG A 268 21.35 11.57 -18.37
N ALA A 269 20.99 10.28 -18.18
CA ALA A 269 22.01 9.23 -18.01
C ALA A 269 22.96 9.13 -19.20
N LEU A 270 22.45 9.22 -20.43
CA LEU A 270 23.33 9.00 -21.58
C LEU A 270 24.23 10.23 -21.82
N GLU A 271 23.77 11.42 -21.45
CA GLU A 271 24.60 12.64 -21.43
C GLU A 271 25.82 12.56 -20.49
N GLN A 272 25.55 12.11 -19.26
CA GLN A 272 26.57 11.94 -18.23
C GLN A 272 27.54 10.76 -18.47
N GLY A 273 27.57 10.23 -19.70
CA GLY A 273 28.56 9.23 -20.06
C GLY A 273 28.26 7.80 -19.63
N ARG A 274 27.16 7.61 -18.89
CA ARG A 274 26.77 6.28 -18.50
C ARG A 274 26.40 5.53 -19.78
N GLN A 275 26.93 4.32 -19.98
CA GLN A 275 26.78 3.64 -21.27
C GLN A 275 26.75 2.11 -21.11
N THR A 276 27.50 1.56 -20.17
CA THR A 276 27.39 0.12 -19.92
C THR A 276 26.11 -0.20 -19.15
N PRO A 277 25.62 -1.43 -19.32
CA PRO A 277 24.46 -1.91 -18.57
C PRO A 277 24.59 -1.69 -17.06
N LYS A 278 25.78 -1.91 -16.50
CA LYS A 278 25.98 -1.72 -15.09
C LYS A 278 25.84 -0.24 -14.72
N ALA A 279 26.39 0.64 -15.54
CA ALA A 279 26.35 2.06 -15.19
C ALA A 279 24.93 2.59 -15.33
N LEU A 280 24.22 2.09 -16.33
CA LEU A 280 22.86 2.54 -16.58
C LEU A 280 21.94 2.04 -15.49
N PHE A 281 22.11 0.79 -15.06
CA PHE A 281 21.36 0.25 -13.95
C PHE A 281 21.61 1.06 -12.66
N GLU A 282 22.89 1.34 -12.36
CA GLU A 282 23.22 2.08 -11.15
C GLU A 282 22.68 3.54 -11.17
N TRP A 283 22.57 4.08 -12.36
CA TRP A 283 21.95 5.39 -12.52
C TRP A 283 20.59 5.43 -11.84
N TYR A 284 19.85 4.35 -11.99
CA TYR A 284 18.49 4.29 -11.45
C TYR A 284 18.46 3.69 -10.04
N ALA A 285 19.21 2.60 -9.83
CA ALA A 285 19.08 1.81 -8.61
C ALA A 285 19.42 2.65 -7.38
N GLY A 286 18.50 2.69 -6.42
CA GLY A 286 18.66 3.46 -5.19
C GLY A 286 18.32 4.94 -5.31
N ASN A 287 17.94 5.38 -6.50
CA ASN A 287 17.78 6.80 -6.73
C ASN A 287 16.35 7.22 -6.66
N THR A 288 16.20 8.51 -6.39
CA THR A 288 14.91 9.17 -6.37
C THR A 288 14.88 10.15 -7.53
N PHE A 289 13.80 10.14 -8.29
CA PHE A 289 13.56 11.13 -9.34
C PHE A 289 12.19 11.74 -9.21
N THR A 290 12.10 13.02 -9.52
CA THR A 290 10.85 13.72 -9.48
C THR A 290 10.57 14.16 -10.89
N GLY A 291 9.34 13.90 -11.34
CA GLY A 291 9.01 14.05 -12.74
C GLY A 291 7.50 13.95 -12.89
N ALA A 292 7.07 13.58 -14.08
CA ALA A 292 5.67 13.60 -14.39
C ALA A 292 4.89 12.59 -13.56
N LEU A 293 5.55 11.50 -13.16
CA LEU A 293 4.93 10.48 -12.31
C LEU A 293 4.96 10.86 -10.86
N GLY A 294 5.51 12.03 -10.56
CA GLY A 294 5.66 12.44 -9.18
C GLY A 294 7.03 12.01 -8.69
N LYS A 295 7.13 11.83 -7.37
CA LYS A 295 8.37 11.36 -6.75
C LYS A 295 8.46 9.84 -6.89
N VAL A 296 9.47 9.40 -7.64
CA VAL A 296 9.72 8.00 -7.94
C VAL A 296 11.01 7.58 -7.26
N THR A 297 10.97 6.47 -6.51
CA THR A 297 12.15 5.96 -5.78
C THR A 297 12.47 4.57 -6.29
N PHE A 298 13.72 4.30 -6.66
CA PHE A 298 14.04 2.95 -7.11
C PHE A 298 14.78 2.17 -6.02
N ALA A 299 14.34 0.94 -5.77
CA ALA A 299 14.99 0.03 -4.84
C ALA A 299 16.33 -0.40 -5.43
N ASN A 300 17.17 -1.03 -4.60
CA ASN A 300 18.41 -1.63 -5.09
C ASN A 300 18.20 -2.68 -6.21
N ASP A 301 17.06 -3.37 -6.24
CA ASP A 301 16.86 -4.40 -7.28
C ASP A 301 16.33 -3.77 -8.57
N GLY A 302 16.21 -2.44 -8.59
CA GLY A 302 15.83 -1.77 -9.82
C GLY A 302 14.34 -1.54 -10.07
N ASP A 303 13.54 -1.59 -9.01
CA ASP A 303 12.08 -1.47 -9.12
C ASP A 303 11.66 -0.12 -8.62
N ALA A 304 10.91 0.63 -9.43
CA ALA A 304 10.33 1.89 -8.99
C ALA A 304 9.25 1.70 -7.93
N SER A 305 9.07 2.71 -7.09
CA SER A 305 7.95 2.75 -6.16
C SER A 305 7.42 4.19 -6.10
N TYR A 306 6.10 4.32 -6.09
CA TYR A 306 5.45 5.60 -5.91
C TYR A 306 4.01 5.35 -5.46
N PRO A 307 3.40 6.32 -4.79
CA PRO A 307 2.10 6.00 -4.18
C PRO A 307 0.94 5.85 -5.19
N TYR A 308 -0.07 5.07 -4.78
CA TYR A 308 -1.31 4.84 -5.50
C TYR A 308 -2.49 5.32 -4.65
N ILE A 309 -3.59 5.60 -5.35
CA ILE A 309 -4.84 5.96 -4.70
C ILE A 309 -5.97 5.17 -5.34
N PHE A 310 -7.11 5.23 -4.67
CA PHE A 310 -8.36 4.83 -5.30
C PHE A 310 -8.98 5.92 -6.14
N LYS A 311 -9.38 5.52 -7.34
CA LYS A 311 -10.11 6.36 -8.24
C LYS A 311 -11.42 5.71 -8.65
N LYS A 312 -12.31 6.49 -9.22
CA LYS A 312 -13.53 5.91 -9.74
C LYS A 312 -14.01 6.61 -10.99
N VAL A 313 -14.72 5.87 -11.81
CA VAL A 313 -15.34 6.41 -13.00
C VAL A 313 -16.63 7.14 -12.59
N THR A 314 -16.77 8.40 -13.01
CA THR A 314 -18.03 9.15 -12.86
C THR A 314 -18.48 9.72 -14.22
N GLU A 315 -19.73 10.18 -14.29
CA GLU A 315 -20.30 10.69 -15.55
C GLU A 315 -19.41 11.79 -16.10
N SER A 316 -18.92 12.64 -15.20
CA SER A 316 -18.12 13.80 -15.59
C SER A 316 -16.58 13.56 -15.67
N GLY A 317 -16.12 12.34 -15.36
CA GLY A 317 -14.71 12.01 -15.49
C GLY A 317 -14.13 11.00 -14.48
N PHE A 318 -12.84 10.71 -14.65
CA PHE A 318 -12.08 9.93 -13.69
C PHE A 318 -11.80 10.79 -12.48
N ARG A 319 -12.15 10.29 -11.29
CA ARG A 319 -12.03 11.06 -10.05
C ARG A 319 -11.29 10.32 -8.95
N VAL A 320 -10.70 11.09 -8.05
CA VAL A 320 -10.18 10.51 -6.82
C VAL A 320 -11.35 10.02 -5.98
N ALA A 321 -11.26 8.80 -5.48
CA ALA A 321 -12.37 8.24 -4.71
C ALA A 321 -12.37 8.88 -3.33
N GLU A 322 -13.41 9.66 -3.04
CA GLU A 322 -13.52 10.34 -1.75
C GLU A 322 -13.57 9.33 -0.59
N PHE A 323 -14.11 8.13 -0.85
CA PHE A 323 -14.36 7.18 0.22
C PHE A 323 -13.10 6.65 0.90
N GLN A 324 -11.97 6.68 0.21
CA GLN A 324 -10.79 5.98 0.72
C GLN A 324 -10.21 6.58 1.99
N PHE A 325 -10.43 7.88 2.23
CA PHE A 325 -9.74 8.54 3.33
C PHE A 325 -10.43 8.21 4.64
N PRO A 326 -11.77 8.36 4.68
CA PRO A 326 -12.43 7.87 5.89
C PRO A 326 -12.33 6.37 6.03
N MSE A 327 -12.35 5.65 4.92
CA MSE A 327 -12.14 4.21 4.99
C MSE A 327 -10.80 3.80 5.68
O MSE A 327 -10.73 2.96 6.57
CB MSE A 327 -12.12 3.64 3.58
CG MSE A 327 -12.04 2.13 3.54
SE MSE A 327 -11.60 1.49 1.78
CE MSE A 327 -9.77 2.17 1.65
N LEU A 328 -9.72 4.41 5.22
CA LEU A 328 -8.42 4.04 5.78
C LEU A 328 -8.38 4.40 7.27
N LEU A 329 -8.94 5.55 7.65
CA LEU A 329 -8.94 5.90 9.07
C LEU A 329 -9.75 4.90 9.89
N THR A 330 -10.95 4.59 9.41
CA THR A 330 -11.80 3.64 10.11
C THR A 330 -11.17 2.29 10.24
N GLN A 331 -10.62 1.79 9.14
CA GLN A 331 -9.95 0.48 9.16
C GLN A 331 -8.80 0.44 10.17
N THR A 332 -8.13 1.57 10.32
CA THR A 332 -7.02 1.64 11.28
C THR A 332 -7.55 1.72 12.69
N ALA A 333 -8.56 2.59 12.92
CA ALA A 333 -9.24 2.66 14.22
C ALA A 333 -9.70 1.27 14.65
N GLN A 334 -10.24 0.53 13.69
CA GLN A 334 -10.79 -0.79 14.01
C GLN A 334 -9.71 -1.79 14.36
N GLU A 335 -8.59 -1.78 13.65
CA GLU A 335 -7.55 -2.73 14.00
C GLU A 335 -7.05 -2.41 15.40
N LEU A 336 -6.85 -1.12 15.69
CA LEU A 336 -6.38 -0.70 17.01
C LEU A 336 -7.38 -1.07 18.11
N ASN A 337 -8.69 -0.83 17.91
CA ASN A 337 -9.66 -1.20 18.93
C ASN A 337 -9.69 -2.69 19.21
N ALA A 338 -9.55 -3.49 18.16
CA ALA A 338 -9.56 -4.94 18.33
C ALA A 338 -8.27 -5.44 19.00
N ILE A 339 -7.15 -4.79 18.72
CA ILE A 339 -5.95 -5.15 19.46
C ILE A 339 -6.11 -4.83 20.95
N PHE A 340 -6.55 -3.62 21.26
CA PHE A 340 -6.82 -3.25 22.64
C PHE A 340 -7.85 -4.17 23.33
N LYS A 341 -8.90 -4.54 22.61
CA LYS A 341 -9.95 -5.39 23.19
C LYS A 341 -9.37 -6.74 23.53
N ASP A 342 -8.44 -7.22 22.68
CA ASP A 342 -7.79 -8.51 22.87
C ASP A 342 -6.92 -8.45 24.10
N MSE A 343 -6.12 -7.41 24.19
CA MSE A 343 -5.29 -7.22 25.36
C MSE A 343 -6.09 -7.15 26.62
O MSE A 343 -5.80 -7.83 27.61
CB MSE A 343 -4.44 -5.94 25.26
CG MSE A 343 -3.24 -6.03 24.41
SE MSE A 343 -2.49 -4.19 24.17
CE MSE A 343 -2.61 -3.76 25.86
N ASP A 344 -7.11 -6.28 26.61
CA ASP A 344 -7.97 -6.13 27.78
C ASP A 344 -8.57 -7.49 28.26
N ARG A 345 -9.10 -8.26 27.33
CA ARG A 345 -9.62 -9.59 27.68
C ARG A 345 -8.54 -10.52 28.28
N SER A 346 -7.36 -10.50 27.69
CA SER A 346 -6.30 -11.41 28.15
C SER A 346 -5.86 -11.02 29.55
N VAL A 347 -5.74 -9.72 29.80
CA VAL A 347 -5.31 -9.23 31.10
C VAL A 347 -6.41 -9.45 32.15
N ALA A 348 -7.66 -9.28 31.76
CA ALA A 348 -8.77 -9.53 32.69
C ALA A 348 -8.77 -11.00 33.09
N ALA A 349 -8.59 -11.88 32.11
CA ALA A 349 -8.49 -13.32 32.40
C ALA A 349 -7.32 -13.61 33.31
N ALA A 350 -6.18 -12.93 33.11
CA ALA A 350 -5.02 -13.22 33.92
C ALA A 350 -5.26 -12.77 35.35
N ALA A 351 -6.02 -11.70 35.53
CA ALA A 351 -6.28 -11.23 36.88
C ALA A 351 -7.16 -12.24 37.61
N GLU A 352 -8.07 -12.85 36.88
CA GLU A 352 -8.98 -13.83 37.46
C GLU A 352 -8.15 -14.97 38.00
N GLN A 353 -7.18 -15.41 37.21
CA GLN A 353 -6.30 -16.52 37.59
C GLN A 353 -5.37 -16.17 38.77
N LEU A 354 -4.90 -14.93 38.83
CA LEU A 354 -3.93 -14.58 39.87
C LEU A 354 -4.58 -14.51 41.25
N SER A 355 -5.92 -14.57 41.25
CA SER A 355 -6.69 -14.53 42.49
C SER A 355 -6.33 -15.63 43.49
N THR A 356 -6.08 -16.84 42.99
CA THR A 356 -5.73 -18.00 43.82
C THR A 356 -4.22 -18.18 44.04
N THR A 357 -3.43 -17.74 43.08
CA THR A 357 -1.97 -17.92 43.10
C THR A 357 -1.19 -16.85 43.88
N GLY A 358 -1.75 -15.66 43.95
CA GLY A 358 -1.01 -14.51 44.43
C GLY A 358 -0.21 -13.92 43.29
N LEU A 359 0.64 -12.96 43.58
CA LEU A 359 1.36 -12.20 42.56
C LEU A 359 2.83 -12.61 42.42
N ARG A 360 3.37 -13.25 43.46
CA ARG A 360 4.75 -13.73 43.46
C ARG A 360 4.81 -15.24 43.26
N GLY A 361 5.95 -15.73 42.76
CA GLY A 361 6.21 -17.15 42.69
C GLY A 361 5.89 -17.86 41.38
N ASP A 362 6.14 -19.16 41.36
CA ASP A 362 6.15 -19.93 40.13
C ASP A 362 4.78 -20.03 39.46
N ARG A 363 3.72 -20.19 40.26
CA ARG A 363 2.37 -20.20 39.69
C ARG A 363 2.00 -18.82 39.08
N ALA A 364 2.38 -17.75 39.75
CA ALA A 364 2.12 -16.42 39.21
C ALA A 364 2.93 -16.20 37.92
N SER A 365 4.21 -16.58 37.98
CA SER A 365 5.10 -16.46 36.83
C SER A 365 4.56 -17.15 35.59
N ALA A 366 3.89 -18.29 35.77
CA ALA A 366 3.34 -19.07 34.67
C ALA A 366 2.18 -18.35 33.98
N ILE A 367 1.35 -17.72 34.79
CA ILE A 367 0.26 -16.88 34.29
C ILE A 367 0.89 -15.76 33.46
N LEU A 368 1.94 -15.14 33.98
CA LEU A 368 2.62 -14.05 33.30
C LEU A 368 3.25 -14.50 31.99
N GLU A 369 3.91 -15.66 32.00
CA GLU A 369 4.57 -16.15 30.81
C GLU A 369 3.61 -16.40 29.69
N THR A 370 2.45 -16.95 30.04
CA THR A 370 1.38 -17.20 29.07
C THR A 370 0.76 -15.85 28.56
N LEU A 371 0.47 -14.96 29.49
CA LEU A 371 -0.10 -13.64 29.14
C LEU A 371 0.74 -12.90 28.09
N PHE A 372 2.05 -12.99 28.26
CA PHE A 372 2.96 -12.40 27.30
C PHE A 372 2.85 -13.07 25.91
N ASN A 373 2.76 -14.40 25.86
CA ASN A 373 2.58 -15.09 24.58
C ASN A 373 1.24 -14.73 23.92
N GLU A 374 0.23 -14.43 24.73
CA GLU A 374 -1.11 -14.03 24.25
C GLU A 374 -1.15 -12.61 23.71
N ASN A 375 -0.08 -11.86 23.94
CA ASN A 375 -0.06 -10.43 23.54
C ASN A 375 1.11 -10.13 22.63
N GLN A 376 0.87 -10.20 21.34
CA GLN A 376 1.96 -10.05 20.43
C GLN A 376 2.53 -8.62 20.43
N TYR A 377 1.78 -7.63 20.93
CA TYR A 377 2.28 -6.23 21.01
C TYR A 377 2.82 -5.86 22.38
N ALA A 378 3.00 -6.87 23.24
CA ALA A 378 3.62 -6.67 24.56
C ALA A 378 5.13 -6.57 24.48
N TYR A 379 5.66 -5.74 25.36
CA TYR A 379 7.05 -5.68 25.66
C TYR A 379 7.32 -6.56 26.87
N ASN A 380 6.49 -6.41 27.91
CA ASN A 380 6.48 -7.40 28.98
C ASN A 380 5.21 -7.34 29.82
N CYS A 381 5.14 -8.22 30.80
CA CYS A 381 4.02 -8.33 31.72
C CYS A 381 4.51 -8.39 33.15
N VAL A 382 3.84 -7.66 34.02
CA VAL A 382 4.21 -7.64 35.42
C VAL A 382 3.02 -7.79 36.34
N THR A 383 3.32 -8.18 37.57
CA THR A 383 2.39 -8.01 38.65
C THR A 383 2.97 -6.96 39.57
N VAL A 384 2.07 -6.26 40.24
CA VAL A 384 2.34 -5.08 41.06
C VAL A 384 1.51 -5.19 42.35
N ASP A 385 2.16 -5.13 43.51
CA ASP A 385 1.44 -5.34 44.78
C ASP A 385 0.67 -4.09 45.27
N ALA A 386 -0.02 -4.27 46.39
CA ALA A 386 -0.91 -3.23 46.93
C ALA A 386 -0.15 -1.94 47.25
N THR A 387 1.18 -1.99 47.26
CA THR A 387 2.03 -0.82 47.52
C THR A 387 2.51 -0.12 46.24
N GLY A 388 2.26 -0.72 45.08
CA GLY A 388 2.68 -0.12 43.83
C GLY A 388 4.10 -0.55 43.48
N THR A 389 4.53 -1.69 44.02
CA THR A 389 5.85 -2.24 43.72
C THR A 389 5.74 -3.44 42.76
N ILE A 390 6.52 -3.42 41.68
CA ILE A 390 6.58 -4.55 40.77
C ILE A 390 7.21 -5.73 41.51
N VAL A 391 6.49 -6.85 41.52
CA VAL A 391 6.90 -8.03 42.29
C VAL A 391 7.11 -9.26 41.41
N ASN A 392 6.79 -9.17 40.13
CA ASN A 392 7.05 -10.27 39.22
C ASN A 392 6.98 -9.77 37.78
N VAL A 393 7.63 -10.46 36.86
CA VAL A 393 7.69 -10.06 35.46
C VAL A 393 7.97 -11.25 34.54
N ALA A 394 7.34 -11.24 33.37
CA ALA A 394 7.74 -12.08 32.25
C ALA A 394 7.83 -11.22 31.01
N PRO A 395 8.83 -11.45 30.15
CA PRO A 395 9.96 -12.40 30.22
C PRO A 395 10.87 -12.15 31.38
N LYS A 396 11.50 -13.21 31.87
CA LYS A 396 12.34 -13.09 33.05
C LYS A 396 13.61 -12.29 32.75
N GLN A 397 13.96 -12.07 31.50
CA GLN A 397 15.14 -11.21 31.21
C GLN A 397 14.98 -9.75 31.70
N TYR A 398 13.76 -9.35 32.04
CA TYR A 398 13.55 -8.00 32.58
C TYR A 398 13.44 -8.02 34.09
N SER A 399 13.97 -9.06 34.71
CA SER A 399 13.95 -9.25 36.17
C SER A 399 14.44 -8.07 36.98
N SER A 400 15.27 -7.25 36.38
CA SER A 400 15.76 -6.05 37.06
C SER A 400 14.64 -5.06 37.45
N VAL A 401 13.50 -5.10 36.76
CA VAL A 401 12.43 -4.17 37.12
C VAL A 401 11.75 -4.62 38.42
N ILE A 402 11.99 -5.86 38.85
CA ILE A 402 11.35 -6.30 40.09
C ILE A 402 11.88 -5.47 41.24
N GLY A 403 10.96 -5.04 42.11
CA GLY A 403 11.29 -4.13 43.19
C GLY A 403 11.12 -2.66 42.86
N GLU A 404 10.94 -2.33 41.59
CA GLU A 404 10.73 -0.94 41.22
C GLU A 404 9.40 -0.38 41.76
N ASP A 405 9.48 0.80 42.37
CA ASP A 405 8.32 1.53 42.89
C ASP A 405 7.69 2.35 41.78
N ILE A 406 6.50 1.95 41.34
CA ILE A 406 5.76 2.70 40.30
C ILE A 406 4.46 3.26 40.87
N SER A 407 4.43 3.47 42.19
CA SER A 407 3.22 3.92 42.89
C SER A 407 2.82 5.36 42.51
N GLY A 408 3.75 6.09 41.88
CA GLY A 408 3.55 7.47 41.44
C GLY A 408 3.16 7.59 39.97
N GLN A 409 3.08 6.46 39.25
CA GLN A 409 2.66 6.51 37.86
C GLN A 409 1.14 6.81 37.81
N GLU A 410 0.76 7.68 36.90
CA GLU A 410 -0.62 8.23 36.93
C GLU A 410 -1.69 7.11 36.86
N GLN A 411 -1.48 6.10 36.02
CA GLN A 411 -2.45 5.00 35.88
C GLN A 411 -2.52 4.13 37.13
N ILE A 412 -1.40 4.04 37.86
CA ILE A 412 -1.30 3.19 39.04
C ILE A 412 -2.06 3.85 40.19
N ILE A 413 -1.93 5.15 40.29
CA ILE A 413 -2.73 5.92 41.23
C ILE A 413 -4.22 5.67 41.00
N ARG A 414 -4.62 5.76 39.74
CA ARG A 414 -6.04 5.65 39.42
C ARG A 414 -6.56 4.25 39.73
N LEU A 415 -5.77 3.23 39.44
CA LEU A 415 -6.21 1.86 39.72
C LEU A 415 -6.34 1.68 41.24
N HIS A 416 -5.42 2.28 41.98
CA HIS A 416 -5.42 2.18 43.42
C HIS A 416 -6.61 2.92 44.03
N GLU A 417 -6.99 4.03 43.42
CA GLU A 417 -8.13 4.81 43.88
C GLU A 417 -9.48 4.33 43.36
N THR A 418 -9.50 3.45 42.34
CA THR A 418 -10.77 2.99 41.75
C THR A 418 -10.97 1.48 41.93
N HIS A 419 -9.86 0.77 42.11
CA HIS A 419 -9.82 -0.69 42.01
C HIS A 419 -10.58 -1.15 40.76
N GLN A 420 -10.41 -0.40 39.69
CA GLN A 420 -10.88 -0.78 38.38
C GLN A 420 -9.76 -0.70 37.35
N PRO A 421 -9.90 -1.43 36.22
CA PRO A 421 -8.87 -1.44 35.18
C PRO A 421 -8.52 -0.05 34.68
N VAL A 422 -7.30 0.10 34.21
CA VAL A 422 -6.85 1.38 33.63
C VAL A 422 -6.03 1.13 32.36
N LEU A 423 -6.02 2.12 31.48
CA LEU A 423 -5.09 2.19 30.37
C LEU A 423 -4.31 3.46 30.60
N SER A 424 -2.98 3.40 30.62
CA SER A 424 -2.19 4.59 30.92
C SER A 424 -2.12 5.55 29.74
N GLN A 425 -1.80 6.81 30.05
CA GLN A 425 -1.28 7.74 29.06
C GLN A 425 0.10 7.22 28.64
N ALA A 426 0.66 7.77 27.56
CA ALA A 426 2.03 7.42 27.13
C ALA A 426 3.07 8.09 28.04
N ILE A 427 3.68 7.32 28.93
CA ILE A 427 4.55 7.88 29.96
C ILE A 427 5.84 7.07 29.94
N LYS A 428 6.87 7.60 30.58
CA LYS A 428 8.17 6.90 30.68
C LYS A 428 8.06 5.72 31.64
N MSE A 429 8.40 4.55 31.15
CA MSE A 429 8.33 3.33 31.94
C MSE A 429 9.72 3.00 32.52
O MSE A 429 10.72 3.43 31.96
CB MSE A 429 7.81 2.20 31.05
CG MSE A 429 6.46 2.48 30.42
SE MSE A 429 5.03 2.47 31.77
CE MSE A 429 3.53 3.07 30.63
N VAL A 430 9.79 2.22 33.61
CA VAL A 430 11.09 1.83 34.19
C VAL A 430 11.94 1.06 33.21
N GLU A 431 11.27 0.45 32.22
CA GLU A 431 11.95 -0.32 31.18
C GLU A 431 12.80 0.53 30.24
N GLY A 432 12.62 1.86 30.29
CA GLY A 432 13.45 2.80 29.55
C GLY A 432 12.88 3.47 28.31
N PHE A 433 11.56 3.48 28.16
CA PHE A 433 10.96 4.13 27.00
C PHE A 433 9.55 4.66 27.33
N VAL A 434 9.07 5.56 26.48
CA VAL A 434 7.72 6.10 26.63
C VAL A 434 6.75 5.06 26.07
N GLY A 435 5.91 4.50 26.94
CA GLY A 435 5.00 3.46 26.51
C GLY A 435 3.63 3.60 27.12
N ILE A 436 2.81 2.58 26.89
CA ILE A 436 1.41 2.52 27.34
C ILE A 436 1.14 1.16 28.02
N ASP A 437 0.64 1.26 29.26
CA ASP A 437 0.38 0.19 30.21
C ASP A 437 -1.13 -0.10 30.36
N LEU A 438 -1.55 -1.35 30.18
CA LEU A 438 -2.92 -1.75 30.48
C LEU A 438 -2.92 -2.61 31.73
N GLU A 439 -3.64 -2.18 32.76
CA GLU A 439 -3.68 -2.91 34.04
C GLU A 439 -5.06 -3.30 34.51
N HIS A 440 -5.17 -4.49 35.06
CA HIS A 440 -6.39 -4.90 35.75
C HIS A 440 -6.07 -5.17 37.21
N PRO A 441 -6.99 -4.79 38.10
CA PRO A 441 -6.82 -5.13 39.52
C PRO A 441 -7.02 -6.61 39.76
N VAL A 442 -6.37 -7.08 40.81
CA VAL A 442 -6.47 -8.45 41.26
C VAL A 442 -7.03 -8.54 42.67
N PHE A 443 -7.97 -9.47 42.86
CA PHE A 443 -8.58 -9.68 44.17
C PHE A 443 -8.42 -11.13 44.60
N ASP A 444 -8.12 -11.36 45.89
CA ASP A 444 -7.98 -12.74 46.39
C ASP A 444 -9.34 -13.45 46.46
N GLN A 445 -9.33 -14.67 46.98
CA GLN A 445 -10.52 -15.51 47.05
C GLN A 445 -11.66 -14.86 47.86
N ASP A 446 -11.30 -14.03 48.85
CA ASP A 446 -12.27 -13.39 49.71
C ASP A 446 -12.69 -11.98 49.26
N GLY A 447 -12.23 -11.56 48.08
CA GLY A 447 -12.58 -10.26 47.54
C GLY A 447 -11.64 -9.12 47.90
N GLY A 448 -10.55 -9.43 48.57
CA GLY A 448 -9.61 -8.39 48.99
C GLY A 448 -8.65 -8.01 47.89
N PHE A 449 -8.41 -6.71 47.74
CA PHE A 449 -7.50 -6.18 46.73
C PHE A 449 -6.06 -6.51 47.06
N ILE A 450 -5.34 -7.10 46.12
CA ILE A 450 -3.95 -7.48 46.37
C ILE A 450 -2.96 -6.87 45.37
N GLY A 451 -3.45 -6.09 44.41
CA GLY A 451 -2.58 -5.43 43.46
C GLY A 451 -3.10 -5.53 42.06
N SER A 452 -2.20 -5.65 41.10
CA SER A 452 -2.63 -5.54 39.71
C SER A 452 -1.72 -6.31 38.78
N VAL A 453 -2.25 -6.61 37.60
CA VAL A 453 -1.51 -7.27 36.55
C VAL A 453 -1.55 -6.40 35.31
N SER A 454 -0.39 -6.33 34.65
CA SER A 454 -0.09 -5.38 33.56
C SER A 454 0.41 -5.99 32.25
N VAL A 455 -0.01 -5.41 31.12
CA VAL A 455 0.70 -5.57 29.84
C VAL A 455 1.21 -4.19 29.47
N LEU A 456 2.53 -4.10 29.29
CA LEU A 456 3.17 -2.92 28.75
C LEU A 456 3.41 -3.13 27.25
N THR A 457 2.95 -2.20 26.43
CA THR A 457 3.08 -2.35 24.96
C THR A 457 4.51 -1.99 24.50
N GLN A 458 4.88 -2.48 23.31
CA GLN A 458 6.16 -2.20 22.65
C GLN A 458 6.36 -0.70 22.42
N PRO A 459 7.61 -0.23 22.35
CA PRO A 459 7.91 1.19 22.05
C PRO A 459 7.32 1.63 20.72
N ASP A 460 7.26 0.75 19.72
CA ASP A 460 6.75 1.13 18.40
C ASP A 460 5.34 0.58 18.16
N PHE A 461 4.55 0.49 19.23
CA PHE A 461 3.20 -0.08 19.18
C PHE A 461 2.35 0.56 18.07
N PHE A 462 2.14 1.86 18.15
CA PHE A 462 1.28 2.48 17.17
C PHE A 462 1.86 2.44 15.77
N GLY A 463 3.13 2.81 15.64
CA GLY A 463 3.81 2.79 14.36
C GLY A 463 3.75 1.46 13.65
N SER A 464 3.95 0.37 14.39
CA SER A 464 3.98 -0.95 13.78
C SER A 464 2.58 -1.26 13.17
N ILE A 465 1.53 -0.74 13.78
CA ILE A 465 0.18 -1.01 13.26
C ILE A 465 -0.12 -0.02 12.14
N ILE A 466 0.11 1.26 12.41
CA ILE A 466 -0.29 2.29 11.47
C ILE A 466 0.47 2.26 10.14
N SER A 467 1.78 2.06 10.17
CA SER A 467 2.56 2.09 8.94
C SER A 467 2.13 1.00 7.93
N ARG A 468 1.70 -0.15 8.41
CA ARG A 468 1.17 -1.15 7.49
C ARG A 468 -0.11 -0.68 6.82
N LYS A 469 -0.96 0.01 7.57
CA LYS A 469 -2.25 0.42 7.03
C LYS A 469 -2.06 1.50 5.94
N VAL A 470 -1.13 2.43 6.15
CA VAL A 470 -0.95 3.57 5.26
C VAL A 470 0.06 3.35 4.14
N HIS A 471 0.71 2.19 4.14
CA HIS A 471 1.76 1.84 3.19
C HIS A 471 1.32 2.07 1.72
N ASN A 472 1.99 3.03 1.09
CA ASN A 472 1.92 3.35 -0.36
C ASN A 472 0.69 4.18 -0.74
N PHE A 473 -0.09 4.60 0.25
CA PHE A 473 -1.13 5.61 0.04
C PHE A 473 -0.50 6.97 0.36
N PRO A 474 -0.90 8.01 -0.38
CA PRO A 474 -0.33 9.33 -0.04
C PRO A 474 -1.08 10.00 1.10
N VAL A 475 -0.95 9.46 2.30
CA VAL A 475 -1.65 9.97 3.47
C VAL A 475 -0.72 9.78 4.64
N GLU A 476 -0.99 10.46 5.75
CA GLU A 476 -0.36 10.13 7.01
C GLU A 476 -1.39 9.97 8.11
N ILE A 477 -1.10 9.08 9.06
CA ILE A 477 -1.90 8.93 10.26
C ILE A 477 -1.02 9.18 11.49
N PHE A 478 -1.48 10.01 12.41
CA PHE A 478 -0.75 10.22 13.64
C PHE A 478 -1.68 10.03 14.83
N VAL A 479 -1.07 9.90 16.02
CA VAL A 479 -1.79 9.70 17.26
C VAL A 479 -1.44 10.77 18.27
N LEU A 480 -2.48 11.39 18.80
CA LEU A 480 -2.34 12.44 19.78
C LEU A 480 -2.92 12.02 21.10
N GLN A 481 -2.26 12.41 22.18
CA GLN A 481 -2.80 12.31 23.53
C GLN A 481 -3.85 13.38 23.79
N ARG A 482 -4.71 13.17 24.78
CA ARG A 482 -5.78 14.14 25.05
C ARG A 482 -5.22 15.55 25.31
N ASP A 483 -4.18 15.65 26.14
CA ASP A 483 -3.49 16.93 26.38
C ASP A 483 -2.77 17.50 25.16
N GLY A 484 -3.00 16.97 23.96
CA GLY A 484 -2.31 17.48 22.77
C GLY A 484 -0.92 16.92 22.45
N THR A 485 -0.30 16.16 23.33
CA THR A 485 1.02 15.56 23.06
C THR A 485 0.99 14.52 21.93
N THR A 486 1.90 14.67 20.98
CA THR A 486 2.04 13.69 19.92
C THR A 486 2.66 12.39 20.42
N ILE A 487 1.92 11.30 20.29
CA ILE A 487 2.37 9.98 20.69
C ILE A 487 3.01 9.21 19.56
N TYR A 488 2.42 9.28 18.39
CA TYR A 488 3.01 8.65 17.24
C TYR A 488 2.87 9.58 16.03
N ASP A 489 3.96 9.64 15.27
CA ASP A 489 4.03 10.33 13.99
C ASP A 489 5.13 9.65 13.19
N VAL A 490 4.95 9.50 11.90
CA VAL A 490 5.93 8.84 11.08
C VAL A 490 7.26 9.63 11.06
N ASN A 491 7.15 10.94 11.30
CA ASN A 491 8.32 11.76 11.60
C ASN A 491 8.61 11.79 13.10
N ALA A 492 9.52 10.96 13.57
CA ALA A 492 9.73 10.80 15.01
C ALA A 492 10.14 12.08 15.73
N GLU A 493 10.63 13.07 15.00
CA GLU A 493 11.04 14.32 15.61
C GLU A 493 9.85 15.03 16.22
N GLU A 494 8.65 14.70 15.73
CA GLU A 494 7.42 15.30 16.26
C GLU A 494 6.93 14.62 17.55
N ILE A 495 7.36 13.38 17.79
CA ILE A 495 6.91 12.65 18.96
C ILE A 495 7.38 13.31 20.24
N GLY A 496 6.43 13.56 21.13
CA GLY A 496 6.74 14.18 22.40
C GLY A 496 6.39 15.67 22.39
N LYS A 497 6.15 16.22 21.20
CA LYS A 497 5.80 17.63 21.06
C LYS A 497 4.34 17.80 21.36
N ASN A 498 4.03 18.88 22.07
CA ASN A 498 2.67 19.21 22.37
C ASN A 498 2.11 20.09 21.26
N ALA A 499 0.87 20.55 21.44
CA ALA A 499 0.29 21.54 20.55
C ALA A 499 -0.21 22.73 21.40
N PHE A 500 0.06 22.65 22.70
CA PHE A 500 -0.06 23.78 23.60
C PHE A 500 1.34 24.03 24.20
N ALA A 501 2.27 24.44 23.36
CA ALA A 501 3.66 24.72 23.76
C ALA A 501 4.43 25.40 22.64
N ILE A 514 -6.65 23.62 14.29
CA ILE A 514 -7.43 22.40 14.35
C ILE A 514 -6.99 21.56 15.54
N ALA A 515 -5.76 21.82 15.98
CA ALA A 515 -5.21 21.15 17.16
C ALA A 515 -6.11 21.35 18.39
N ARG A 516 -6.64 22.55 18.56
CA ARG A 516 -7.51 22.87 19.70
C ARG A 516 -8.77 22.01 19.67
N LYS A 517 -9.38 21.90 18.49
CA LYS A 517 -10.60 21.12 18.36
C LYS A 517 -10.37 19.62 18.60
N MSE A 518 -9.18 19.14 18.24
CA MSE A 518 -8.85 17.72 18.40
C MSE A 518 -8.77 17.32 19.87
O MSE A 518 -9.13 16.22 20.24
CB MSE A 518 -7.54 17.36 17.72
CG MSE A 518 -7.66 17.13 16.23
SE MSE A 518 -6.01 16.39 15.46
CE MSE A 518 -5.78 14.79 16.58
N VAL A 519 -8.32 18.25 20.71
CA VAL A 519 -8.32 18.01 22.15
C VAL A 519 -9.70 17.67 22.69
N SER A 520 -10.70 18.47 22.33
CA SER A 520 -11.99 18.41 23.01
C SER A 520 -13.04 17.55 22.34
N GLN A 521 -12.85 17.20 21.07
CA GLN A 521 -13.82 16.37 20.36
C GLN A 521 -13.24 14.98 20.00
N ALA A 522 -14.05 13.94 20.17
CA ALA A 522 -13.60 12.57 19.90
C ALA A 522 -13.49 12.27 18.40
N GLU A 523 -14.33 12.92 17.62
CA GLU A 523 -14.26 12.80 16.17
C GLU A 523 -14.37 14.18 15.54
N GLY A 524 -13.82 14.34 14.34
CA GLY A 524 -13.82 15.62 13.67
C GLY A 524 -13.22 15.57 12.28
N GLU A 525 -13.32 16.69 11.59
CA GLU A 525 -12.57 16.93 10.37
C GLU A 525 -12.16 18.38 10.27
N GLY A 526 -11.28 18.70 9.33
CA GLY A 526 -10.83 20.06 9.14
C GLY A 526 -9.84 20.22 8.00
N THR A 527 -9.44 21.46 7.75
CA THR A 527 -8.51 21.80 6.67
C THR A 527 -7.51 22.85 7.11
N TYR A 528 -6.22 22.61 6.85
CA TYR A 528 -5.15 23.58 7.10
C TYR A 528 -4.28 23.78 5.86
N ARG A 529 -3.10 24.38 6.04
CA ARG A 529 -2.20 24.69 4.91
C ARG A 529 -0.75 24.55 5.34
N ALA A 540 -2.39 22.97 0.88
CA ALA A 540 -3.70 22.76 1.49
C ALA A 540 -4.00 21.27 1.79
N LYS A 541 -4.26 20.97 3.06
CA LYS A 541 -4.44 19.59 3.54
C LYS A 541 -5.79 19.36 4.23
N GLN A 542 -6.39 18.20 3.97
CA GLN A 542 -7.58 17.76 4.70
C GLN A 542 -7.19 16.84 5.88
N LEU A 543 -7.93 16.94 6.98
CA LEU A 543 -7.68 16.20 8.20
C LEU A 543 -8.95 15.55 8.69
N LEU A 544 -8.87 14.25 8.96
CA LEU A 544 -9.96 13.50 9.59
C LEU A 544 -9.46 12.90 10.87
N TRP A 545 -10.26 12.97 11.94
CA TRP A 545 -9.89 12.20 13.14
C TRP A 545 -11.02 11.51 13.88
N THR A 546 -10.59 10.45 14.58
CA THR A 546 -11.44 9.68 15.45
C THR A 546 -10.65 9.38 16.73
N SER A 547 -11.20 8.54 17.60
CA SER A 547 -10.57 8.23 18.85
C SER A 547 -10.57 6.73 19.07
N ILE A 548 -9.51 6.27 19.73
CA ILE A 548 -9.35 4.90 20.19
C ILE A 548 -8.91 4.89 21.64
N GLY A 549 -9.33 3.88 22.38
CA GLY A 549 -8.89 3.74 23.76
C GLY A 549 -9.66 2.76 24.60
N LEU A 550 -9.36 2.74 25.88
CA LEU A 550 -10.05 1.89 26.86
C LEU A 550 -10.14 2.59 28.21
N HIS A 551 -11.20 2.26 28.95
CA HIS A 551 -11.31 2.58 30.37
C HIS A 551 -11.15 4.07 30.65
N GLY A 552 -11.63 4.89 29.71
CA GLY A 552 -11.61 6.34 29.88
C GLY A 552 -10.34 7.04 29.41
N THR A 553 -9.40 6.26 28.88
CA THR A 553 -8.16 6.80 28.30
C THR A 553 -8.27 6.67 26.80
N ASN A 554 -8.49 7.80 26.16
CA ASN A 554 -8.67 7.83 24.73
C ASN A 554 -7.56 8.64 24.05
N TYR A 555 -7.18 8.17 22.86
CA TYR A 555 -6.21 8.82 21.99
C TYR A 555 -6.88 9.22 20.72
N ARG A 556 -6.45 10.35 20.18
CA ARG A 556 -6.94 10.79 18.90
C ARG A 556 -6.09 10.22 17.80
N LEU A 557 -6.78 9.71 16.78
CA LEU A 557 -6.22 9.06 15.61
C LEU A 557 -6.60 9.91 14.44
N ALA A 558 -5.62 10.52 13.81
CA ALA A 558 -5.87 11.49 12.74
C ALA A 558 -5.20 11.05 11.46
N LEU A 559 -5.92 11.28 10.38
CA LEU A 559 -5.45 11.03 9.03
C LEU A 559 -5.44 12.33 8.26
N THR A 560 -4.32 12.63 7.62
CA THR A 560 -4.19 13.78 6.74
C THR A 560 -3.83 13.41 5.30
N TYR A 561 -4.28 14.23 4.37
CA TYR A 561 -4.04 14.02 2.96
C TYR A 561 -4.18 15.36 2.25
N GLY A 562 -3.63 15.43 1.04
CA GLY A 562 -3.56 16.66 0.24
C GLY A 562 -4.85 17.45 0.20
C1 COI B . 1.23 -4.46 -17.69
O1 COI B . 1.67 -5.53 -18.20
O2 COI B . 1.45 -4.14 -16.50
C2 COI B . 0.49 -3.52 -18.57
O3 COI B . 0.02 -2.49 -18.12
C3 COI B . 0.40 -3.92 -20.03
C4 COI B . -0.52 -3.00 -20.76
C5 COI B . -0.13 -3.03 -22.22
C6 COI B . -1.92 -3.53 -20.49
N3 CYT C . 6.50 -0.80 33.70
C4 CYT C . 5.60 -1.78 33.63
N1 CYT C . 4.87 0.61 34.71
C2 CYT C . 6.17 0.42 34.23
O2 CYT C . 6.99 1.36 34.28
N4 CYT C . 6.00 -2.97 33.10
C5 CYT C . 4.26 -1.59 34.11
C6 CYT C . 3.94 -0.40 34.64
C ACY D . 4.59 4.23 18.99
O ACY D . 4.78 3.85 17.79
OXT ACY D . 3.75 3.72 19.76
CH3 ACY D . 5.41 5.37 19.56
CA CA E . 22.26 4.73 -7.96
C1 GOL F . -6.39 8.09 -21.68
O1 GOL F . -6.87 7.19 -22.68
C2 GOL F . -7.45 9.19 -21.45
O2 GOL F . -7.17 10.28 -22.33
C3 GOL F . -7.56 9.63 -19.99
O3 GOL F . -6.40 9.37 -19.22
C1 EDO G . 5.62 -8.19 -8.50
O1 EDO G . 4.26 -8.24 -8.03
C2 EDO G . 5.61 -8.71 -9.93
O2 EDO G . 6.42 -7.87 -10.76
C1 EDO H . -16.23 8.66 -4.50
O1 EDO H . -16.24 8.36 -3.11
C2 EDO H . -16.34 10.15 -4.79
O2 EDO H . -16.35 10.34 -6.21
#